data_118D
# 
_entry.id   118D 
# 
_audit_conform.dict_name       mmcif_pdbx.dic 
_audit_conform.dict_version    5.367 
_audit_conform.dict_location   http://mmcif.pdb.org/dictionaries/ascii/mmcif_pdbx.dic 
# 
loop_
_database_2.database_id 
_database_2.database_code 
_database_2.pdbx_database_accession 
_database_2.pdbx_DOI 
PDB   118D         pdb_0000118d 10.2210/pdb118d/pdb 
RCSB  ADH047       ?            ?                   
WWPDB D_1000170045 ?            ?                   
# 
_pdbx_database_status.status_code                     REL 
_pdbx_database_status.entry_id                        118D 
_pdbx_database_status.recvd_initial_deposition_date   1993-02-11 
_pdbx_database_status.deposit_site                    BNL 
_pdbx_database_status.process_site                    NDB 
_pdbx_database_status.status_code_sf                  REL 
_pdbx_database_status.status_code_mr                  ? 
_pdbx_database_status.SG_entry                        ? 
_pdbx_database_status.pdb_format_compatible           Y 
_pdbx_database_status.status_code_cs                  ? 
_pdbx_database_status.status_code_nmr_data            ? 
_pdbx_database_status.methods_development_category    ? 
# 
loop_
_audit_author.name 
_audit_author.pdbx_ordinal 
_audit_author.identifier_ORCID 
'Bingman, C.A.'     1 ? 
'Li, X.'            2 ? 
'Zon, G.'           3 ? 
'Sundaralingam, M.' 4 ? 
# 
_citation.id                        primary 
_citation.title                     
;Crystal and molecular structure of d(GTGCGCAC): investigation of the effects of base sequence on the conformation of octamer duplexes.
;
_citation.journal_abbrev            Biochemistry 
_citation.journal_volume            31 
_citation.page_first                12803 
_citation.page_last                 12812 
_citation.year                      1992 
_citation.journal_id_ASTM           BICHAW 
_citation.country                   US 
_citation.journal_id_ISSN           0006-2960 
_citation.journal_id_CSD            0033 
_citation.book_publisher            ? 
_citation.pdbx_database_id_PubMed   1463751 
_citation.pdbx_database_id_DOI      10.1021/bi00166a014 
# 
loop_
_citation_author.citation_id 
_citation_author.name 
_citation_author.ordinal 
_citation_author.identifier_ORCID 
primary 'Bingman, C.A.'     1 ? 
primary 'Li, X.'            2 ? 
primary 'Zon, G.'           3 ? 
primary 'Sundaralingam, M.' 4 ? 
# 
_cell.entry_id           118D 
_cell.length_a           42.220 
_cell.length_b           42.220 
_cell.length_c           25.070 
_cell.angle_alpha        90.00 
_cell.angle_beta         90.00 
_cell.angle_gamma        90.00 
_cell.Z_PDB              8 
_cell.pdbx_unique_axis   ? 
# 
_symmetry.entry_id                         118D 
_symmetry.space_group_name_H-M             'P 43 21 2' 
_symmetry.pdbx_full_space_group_name_H-M   ? 
_symmetry.cell_setting                     ? 
_symmetry.Int_Tables_number                96 
# 
loop_
_entity.id 
_entity.type 
_entity.src_method 
_entity.pdbx_description 
_entity.formula_weight 
_entity.pdbx_number_of_molecules 
_entity.pdbx_ec 
_entity.pdbx_mutation 
_entity.pdbx_fragment 
_entity.details 
1 polymer syn 
;DNA (5'-D(*GP*TP*GP*CP*GP*CP*AP*C)-3')
;
2427.605 1  ? ? ? ? 
2 water   nat water                                    18.015   42 ? ? ? ? 
# 
_entity_poly.entity_id                      1 
_entity_poly.type                           polydeoxyribonucleotide 
_entity_poly.nstd_linkage                   no 
_entity_poly.nstd_monomer                   no 
_entity_poly.pdbx_seq_one_letter_code       '(DG)(DT)(DG)(DC)(DG)(DC)(DA)(DC)' 
_entity_poly.pdbx_seq_one_letter_code_can   GTGCGCAC 
_entity_poly.pdbx_strand_id                 A 
_entity_poly.pdbx_target_identifier         ? 
# 
loop_
_entity_poly_seq.entity_id 
_entity_poly_seq.num 
_entity_poly_seq.mon_id 
_entity_poly_seq.hetero 
1 1 DG n 
1 2 DT n 
1 3 DG n 
1 4 DC n 
1 5 DG n 
1 6 DC n 
1 7 DA n 
1 8 DC n 
# 
_struct_ref.id                         1 
_struct_ref.entity_id                  1 
_struct_ref.db_name                    PDB 
_struct_ref.db_code                    118D 
_struct_ref.pdbx_db_accession          118D 
_struct_ref.pdbx_db_isoform            ? 
_struct_ref.pdbx_seq_one_letter_code   ? 
_struct_ref.pdbx_align_begin           ? 
# 
_struct_ref_seq.align_id                      1 
_struct_ref_seq.ref_id                        1 
_struct_ref_seq.pdbx_PDB_id_code              118D 
_struct_ref_seq.pdbx_strand_id                A 
_struct_ref_seq.seq_align_beg                 1 
_struct_ref_seq.pdbx_seq_align_beg_ins_code   ? 
_struct_ref_seq.seq_align_end                 8 
_struct_ref_seq.pdbx_seq_align_end_ins_code   ? 
_struct_ref_seq.pdbx_db_accession             118D 
_struct_ref_seq.db_align_beg                  1 
_struct_ref_seq.pdbx_db_align_beg_ins_code    ? 
_struct_ref_seq.db_align_end                  8 
_struct_ref_seq.pdbx_db_align_end_ins_code    ? 
_struct_ref_seq.pdbx_auth_seq_align_beg       1 
_struct_ref_seq.pdbx_auth_seq_align_end       8 
# 
loop_
_chem_comp.id 
_chem_comp.type 
_chem_comp.mon_nstd_flag 
_chem_comp.name 
_chem_comp.pdbx_synonyms 
_chem_comp.formula 
_chem_comp.formula_weight 
DA  'DNA linking' y "2'-DEOXYADENOSINE-5'-MONOPHOSPHATE" ? 'C10 H14 N5 O6 P' 331.222 
DC  'DNA linking' y "2'-DEOXYCYTIDINE-5'-MONOPHOSPHATE"  ? 'C9 H14 N3 O7 P'  307.197 
DG  'DNA linking' y "2'-DEOXYGUANOSINE-5'-MONOPHOSPHATE" ? 'C10 H14 N5 O7 P' 347.221 
DT  'DNA linking' y "THYMIDINE-5'-MONOPHOSPHATE"         ? 'C10 H15 N2 O8 P' 322.208 
HOH non-polymer   . WATER                                ? 'H2 O'            18.015  
# 
_exptl.entry_id          118D 
_exptl.method            'X-RAY DIFFRACTION' 
_exptl.crystals_number   ? 
# 
_exptl_crystal.id                    1 
_exptl_crystal.density_meas          ? 
_exptl_crystal.density_Matthews      2.30 
_exptl_crystal.density_percent_sol   46.55 
_exptl_crystal.description           ? 
# 
_exptl_crystal_grow.crystal_id      1 
_exptl_crystal_grow.method          'VAPOR DIFFUSION' 
_exptl_crystal_grow.temp            ? 
_exptl_crystal_grow.temp_details    ? 
_exptl_crystal_grow.pH              6.50 
_exptl_crystal_grow.pdbx_details    'pH 6.50, VAPOR DIFFUSION' 
_exptl_crystal_grow.pdbx_pH_range   ? 
# 
loop_
_exptl_crystal_grow_comp.crystal_id 
_exptl_crystal_grow_comp.id 
_exptl_crystal_grow_comp.sol_id 
_exptl_crystal_grow_comp.name 
_exptl_crystal_grow_comp.volume 
_exptl_crystal_grow_comp.conc 
_exptl_crystal_grow_comp.details 
1 1 1 WATER           ? ? ? 
1 2 1 MGCL2           ? ? ? 
1 3 1 SPERMINE        ? ? ? 
1 4 1 'NA CACODYLATE' ? ? ? 
1 5 2 WATER           ? ? ? 
1 6 2 MPD             ? ? ? 
# 
_diffrn.id                     1 
_diffrn.ambient_temp           263.00 
_diffrn.ambient_temp_details   ? 
_diffrn.crystal_id             1 
# 
_diffrn_detector.diffrn_id              1 
_diffrn_detector.detector               'AREA DETECTOR' 
_diffrn_detector.type                   SIEMENS-NICOLET 
_diffrn_detector.pdbx_collection_date   ? 
_diffrn_detector.details                ? 
# 
_diffrn_radiation.diffrn_id                        1 
_diffrn_radiation.wavelength_id                    1 
_diffrn_radiation.pdbx_monochromatic_or_laue_m_l   ? 
_diffrn_radiation.monochromator                    ? 
_diffrn_radiation.pdbx_diffrn_protocol             ? 
_diffrn_radiation.pdbx_scattering_type             x-ray 
# 
_diffrn_radiation_wavelength.id           1 
_diffrn_radiation_wavelength.wavelength   . 
_diffrn_radiation_wavelength.wt           1.0 
# 
_diffrn_source.diffrn_id                   1 
_diffrn_source.source                      'ROTATING ANODE' 
_diffrn_source.type                        'ELLIOTT GX-20' 
_diffrn_source.pdbx_synchrotron_site       ? 
_diffrn_source.pdbx_synchrotron_beamline   ? 
_diffrn_source.pdbx_wavelength             ? 
_diffrn_source.pdbx_wavelength_list        ? 
# 
_reflns.entry_id                     118D 
_reflns.observed_criterion_sigma_I   4.000 
_reflns.observed_criterion_sigma_F   ? 
_reflns.d_resolution_low             ? 
_reflns.d_resolution_high            1.640 
_reflns.number_obs                   2767 
_reflns.number_all                   11665 
_reflns.percent_possible_obs         ? 
_reflns.pdbx_Rmerge_I_obs            ? 
_reflns.pdbx_Rsym_value              ? 
_reflns.pdbx_netI_over_sigmaI        ? 
_reflns.B_iso_Wilson_estimate        ? 
_reflns.pdbx_redundancy              ? 
_reflns.pdbx_diffrn_id               1 
_reflns.pdbx_ordinal                 1 
_reflns.pdbx_CC_half                 ? 
_reflns.pdbx_CC_star                 ? 
_reflns.pdbx_Rpim_I_all              ? 
_reflns.pdbx_Rrim_I_all              ? 
# 
_refine.entry_id                                 118D 
_refine.ls_number_reflns_obs                     4483 
_refine.ls_number_reflns_all                     ? 
_refine.pdbx_ls_sigma_I                          ? 
_refine.pdbx_ls_sigma_F                          2.000 
_refine.pdbx_data_cutoff_high_absF               ? 
_refine.pdbx_data_cutoff_low_absF                ? 
_refine.pdbx_data_cutoff_high_rms_absF           ? 
_refine.ls_d_res_low                             8.000 
_refine.ls_d_res_high                            1.640 
_refine.ls_percent_reflns_obs                    ? 
_refine.ls_R_factor_obs                          0.1540000 
_refine.ls_R_factor_all                          ? 
_refine.ls_R_factor_R_work                       ? 
_refine.ls_R_factor_R_free                       ? 
_refine.ls_R_factor_R_free_error                 ? 
_refine.ls_R_factor_R_free_error_details         ? 
_refine.ls_percent_reflns_R_free                 ? 
_refine.ls_number_reflns_R_free                  ? 
_refine.ls_number_parameters                     ? 
_refine.ls_number_restraints                     ? 
_refine.occupancy_min                            ? 
_refine.occupancy_max                            ? 
_refine.B_iso_mean                               ? 
_refine.aniso_B[1][1]                            ? 
_refine.aniso_B[2][2]                            ? 
_refine.aniso_B[3][3]                            ? 
_refine.aniso_B[1][2]                            ? 
_refine.aniso_B[1][3]                            ? 
_refine.aniso_B[2][3]                            ? 
_refine.solvent_model_details                    ? 
_refine.solvent_model_param_ksol                 ? 
_refine.solvent_model_param_bsol                 ? 
_refine.pdbx_ls_cross_valid_method               ? 
_refine.details                                  ? 
_refine.pdbx_starting_model                      ? 
_refine.pdbx_method_to_determine_struct          ? 
_refine.pdbx_isotropic_thermal_model             ? 
_refine.pdbx_stereochemistry_target_values       ? 
_refine.pdbx_stereochem_target_val_spec_case     ? 
_refine.pdbx_R_Free_selection_details            ? 
_refine.pdbx_overall_ESU_R                       ? 
_refine.pdbx_overall_ESU_R_Free                  ? 
_refine.overall_SU_ML                            ? 
_refine.overall_SU_B                             ? 
_refine.pdbx_refine_id                           'X-RAY DIFFRACTION' 
_refine.pdbx_diffrn_id                           1 
_refine.pdbx_TLS_residual_ADP_flag               ? 
_refine.correlation_coeff_Fo_to_Fc               ? 
_refine.correlation_coeff_Fo_to_Fc_free          ? 
_refine.pdbx_solvent_vdw_probe_radii             ? 
_refine.pdbx_solvent_ion_probe_radii             ? 
_refine.pdbx_solvent_shrinkage_radii             ? 
_refine.pdbx_overall_phase_error                 ? 
_refine.overall_SU_R_Cruickshank_DPI             ? 
_refine.pdbx_overall_SU_R_free_Cruickshank_DPI   ? 
_refine.pdbx_overall_SU_R_Blow_DPI               ? 
_refine.pdbx_overall_SU_R_free_Blow_DPI          ? 
# 
_refine_hist.pdbx_refine_id                   'X-RAY DIFFRACTION' 
_refine_hist.cycle_id                         LAST 
_refine_hist.pdbx_number_atoms_protein        0 
_refine_hist.pdbx_number_atoms_nucleic_acid   161 
_refine_hist.pdbx_number_atoms_ligand         0 
_refine_hist.number_atoms_solvent             42 
_refine_hist.number_atoms_total               203 
_refine_hist.d_res_high                       1.640 
_refine_hist.d_res_low                        8.000 
# 
loop_
_refine_ls_restr.type 
_refine_ls_restr.dev_ideal 
_refine_ls_restr.dev_ideal_target 
_refine_ls_restr.weight 
_refine_ls_restr.number 
_refine_ls_restr.pdbx_refine_id 
_refine_ls_restr.pdbx_restraint_function 
n_bond_d               0.005 0.025 ? ? 'X-RAY DIFFRACTION' ? 
n_angle_d              0.017 0.050 ? ? 'X-RAY DIFFRACTION' ? 
n_planar_d             ?     ?     ? ? 'X-RAY DIFFRACTION' ? 
n_hb_or_metal_coord    ?     ?     ? ? 'X-RAY DIFFRACTION' ? 
n_sugar_bond_it        ?     ?     ? ? 'X-RAY DIFFRACTION' ? 
n_sugar_angle_it       ?     ?     ? ? 'X-RAY DIFFRACTION' ? 
n_phos_bond_it         ?     ?     ? ? 'X-RAY DIFFRACTION' ? 
n_phos_angle_it        ?     ?     ? ? 'X-RAY DIFFRACTION' ? 
n_bond_angle_restr     ?     ?     ? ? 'X-RAY DIFFRACTION' ? 
n_dihedral_angle_restr ?     ?     ? ? 'X-RAY DIFFRACTION' ? 
n_impr_tor             ?     ?     ? ? 'X-RAY DIFFRACTION' ? 
n_sugar_bond_d         ?     ?     ? ? 'X-RAY DIFFRACTION' ? 
n_sugar_bond_angle_d   ?     ?     ? ? 'X-RAY DIFFRACTION' ? 
n_phos_bond_d          ?     ?     ? ? 'X-RAY DIFFRACTION' ? 
n_phos_bond_angle_d    ?     ?     ? ? 'X-RAY DIFFRACTION' ? 
n_plane_restr          0.015 0.040 ? ? 'X-RAY DIFFRACTION' ? 
n_chiral_restr         0.053 0.100 ? ? 'X-RAY DIFFRACTION' ? 
n_singtor_nbd          ?     ?     ? ? 'X-RAY DIFFRACTION' ? 
n_multtor_nbd          0.142 0.090 ? ? 'X-RAY DIFFRACTION' ? 
n_xhyhbond_nbd         ?     ?     ? ? 'X-RAY DIFFRACTION' ? 
# 
_struct.entry_id                  118D 
_struct.title                     
;CRYSTAL AND MOLECULAR STRUCTURE OF D(GTGCGCAC): INVESTIGATION OF THE EFFECTS OF BASE SEQUENCE ON THE CONFORMATION OF OCTAMER DUPLEXES
;
_struct.pdbx_model_details        ? 
_struct.pdbx_CASP_flag            ? 
_struct.pdbx_model_type_details   ? 
# 
_struct_keywords.entry_id        118D 
_struct_keywords.pdbx_keywords   DNA 
_struct_keywords.text            'A-DNA, DOUBLE HELIX, DNA' 
# 
loop_
_struct_asym.id 
_struct_asym.pdbx_blank_PDB_chainid_flag 
_struct_asym.pdbx_modified 
_struct_asym.entity_id 
_struct_asym.details 
A N N 1 ? 
B N N 2 ? 
# 
loop_
_struct_conn.id 
_struct_conn.conn_type_id 
_struct_conn.pdbx_leaving_atom_flag 
_struct_conn.pdbx_PDB_id 
_struct_conn.ptnr1_label_asym_id 
_struct_conn.ptnr1_label_comp_id 
_struct_conn.ptnr1_label_seq_id 
_struct_conn.ptnr1_label_atom_id 
_struct_conn.pdbx_ptnr1_label_alt_id 
_struct_conn.pdbx_ptnr1_PDB_ins_code 
_struct_conn.pdbx_ptnr1_standard_comp_id 
_struct_conn.ptnr1_symmetry 
_struct_conn.ptnr2_label_asym_id 
_struct_conn.ptnr2_label_comp_id 
_struct_conn.ptnr2_label_seq_id 
_struct_conn.ptnr2_label_atom_id 
_struct_conn.pdbx_ptnr2_label_alt_id 
_struct_conn.pdbx_ptnr2_PDB_ins_code 
_struct_conn.ptnr1_auth_asym_id 
_struct_conn.ptnr1_auth_comp_id 
_struct_conn.ptnr1_auth_seq_id 
_struct_conn.ptnr2_auth_asym_id 
_struct_conn.ptnr2_auth_comp_id 
_struct_conn.ptnr2_auth_seq_id 
_struct_conn.ptnr2_symmetry 
_struct_conn.pdbx_ptnr3_label_atom_id 
_struct_conn.pdbx_ptnr3_label_seq_id 
_struct_conn.pdbx_ptnr3_label_comp_id 
_struct_conn.pdbx_ptnr3_label_asym_id 
_struct_conn.pdbx_ptnr3_label_alt_id 
_struct_conn.pdbx_ptnr3_PDB_ins_code 
_struct_conn.details 
_struct_conn.pdbx_dist_value 
_struct_conn.pdbx_value_order 
_struct_conn.pdbx_role 
hydrog1  hydrog ? ? A DG 1 N1 ? ? ? 1_555 A DC 8 N3 ? ? A DG 1 A DC 8 7_555 ? ? ? ? ? ? WATSON-CRICK ? ? ? 
hydrog2  hydrog ? ? A DG 1 N2 ? ? ? 1_555 A DC 8 O2 ? ? A DG 1 A DC 8 7_555 ? ? ? ? ? ? WATSON-CRICK ? ? ? 
hydrog3  hydrog ? ? A DG 1 O6 ? ? ? 1_555 A DC 8 N4 ? ? A DG 1 A DC 8 7_555 ? ? ? ? ? ? WATSON-CRICK ? ? ? 
hydrog4  hydrog ? ? A DT 2 N3 ? ? ? 1_555 A DA 7 N1 ? ? A DT 2 A DA 7 7_555 ? ? ? ? ? ? WATSON-CRICK ? ? ? 
hydrog5  hydrog ? ? A DT 2 O4 ? ? ? 1_555 A DA 7 N6 ? ? A DT 2 A DA 7 7_555 ? ? ? ? ? ? WATSON-CRICK ? ? ? 
hydrog6  hydrog ? ? A DG 3 N1 ? ? ? 1_555 A DC 6 N3 ? ? A DG 3 A DC 6 7_555 ? ? ? ? ? ? WATSON-CRICK ? ? ? 
hydrog7  hydrog ? ? A DG 3 N2 ? ? ? 1_555 A DC 6 O2 ? ? A DG 3 A DC 6 7_555 ? ? ? ? ? ? WATSON-CRICK ? ? ? 
hydrog8  hydrog ? ? A DG 3 O6 ? ? ? 1_555 A DC 6 N4 ? ? A DG 3 A DC 6 7_555 ? ? ? ? ? ? WATSON-CRICK ? ? ? 
hydrog9  hydrog ? ? A DC 4 N3 ? ? ? 1_555 A DG 5 N1 ? ? A DC 4 A DG 5 7_555 ? ? ? ? ? ? WATSON-CRICK ? ? ? 
hydrog10 hydrog ? ? A DC 4 N4 ? ? ? 1_555 A DG 5 O6 ? ? A DC 4 A DG 5 7_555 ? ? ? ? ? ? WATSON-CRICK ? ? ? 
hydrog11 hydrog ? ? A DC 4 O2 ? ? ? 1_555 A DG 5 N2 ? ? A DC 4 A DG 5 7_555 ? ? ? ? ? ? WATSON-CRICK ? ? ? 
hydrog12 hydrog ? ? A DG 5 N1 ? ? ? 1_555 A DC 4 N3 ? ? A DG 5 A DC 4 7_555 ? ? ? ? ? ? WATSON-CRICK ? ? ? 
hydrog13 hydrog ? ? A DG 5 N2 ? ? ? 1_555 A DC 4 O2 ? ? A DG 5 A DC 4 7_555 ? ? ? ? ? ? WATSON-CRICK ? ? ? 
hydrog14 hydrog ? ? A DG 5 O6 ? ? ? 1_555 A DC 4 N4 ? ? A DG 5 A DC 4 7_555 ? ? ? ? ? ? WATSON-CRICK ? ? ? 
hydrog15 hydrog ? ? A DC 6 N3 ? ? ? 1_555 A DG 3 N1 ? ? A DC 6 A DG 3 7_555 ? ? ? ? ? ? WATSON-CRICK ? ? ? 
hydrog16 hydrog ? ? A DC 6 N4 ? ? ? 1_555 A DG 3 O6 ? ? A DC 6 A DG 3 7_555 ? ? ? ? ? ? WATSON-CRICK ? ? ? 
hydrog17 hydrog ? ? A DC 6 O2 ? ? ? 1_555 A DG 3 N2 ? ? A DC 6 A DG 3 7_555 ? ? ? ? ? ? WATSON-CRICK ? ? ? 
hydrog18 hydrog ? ? A DA 7 N1 ? ? ? 1_555 A DT 2 N3 ? ? A DA 7 A DT 2 7_555 ? ? ? ? ? ? WATSON-CRICK ? ? ? 
hydrog19 hydrog ? ? A DA 7 N6 ? ? ? 1_555 A DT 2 O4 ? ? A DA 7 A DT 2 7_555 ? ? ? ? ? ? WATSON-CRICK ? ? ? 
hydrog20 hydrog ? ? A DC 8 N3 ? ? ? 1_555 A DG 1 N1 ? ? A DC 8 A DG 1 7_555 ? ? ? ? ? ? WATSON-CRICK ? ? ? 
hydrog21 hydrog ? ? A DC 8 N4 ? ? ? 1_555 A DG 1 O6 ? ? A DC 8 A DG 1 7_555 ? ? ? ? ? ? WATSON-CRICK ? ? ? 
hydrog22 hydrog ? ? A DC 8 O2 ? ? ? 1_555 A DG 1 N2 ? ? A DC 8 A DG 1 7_555 ? ? ? ? ? ? WATSON-CRICK ? ? ? 
# 
_struct_conn_type.id          hydrog 
_struct_conn_type.criteria    ? 
_struct_conn_type.reference   ? 
# 
_atom_sites.entry_id                    118D 
_atom_sites.fract_transf_matrix[1][1]   -0.01312137 
_atom_sites.fract_transf_matrix[1][2]   -0.00036286 
_atom_sites.fract_transf_matrix[1][3]   -0.01971490 
_atom_sites.fract_transf_matrix[2][1]   0.00956548 
_atom_sites.fract_transf_matrix[2][2]   0.02059080 
_atom_sites.fract_transf_matrix[2][3]   -0.00674535 
_atom_sites.fract_transf_matrix[3][1]   0.02903848 
_atom_sites.fract_transf_matrix[3][2]   -0.01970233 
_atom_sites.fract_transf_matrix[3][3]   -0.01896411 
_atom_sites.fract_transf_vector[1]      0.237809 
_atom_sites.fract_transf_vector[2]      0.227349 
_atom_sites.fract_transf_vector[3]      0.109932 
# 
loop_
_atom_type.symbol 
C 
N 
O 
P 
# 
loop_
_atom_site.group_PDB 
_atom_site.id 
_atom_site.type_symbol 
_atom_site.label_atom_id 
_atom_site.label_alt_id 
_atom_site.label_comp_id 
_atom_site.label_asym_id 
_atom_site.label_entity_id 
_atom_site.label_seq_id 
_atom_site.pdbx_PDB_ins_code 
_atom_site.Cartn_x 
_atom_site.Cartn_y 
_atom_site.Cartn_z 
_atom_site.occupancy 
_atom_site.B_iso_or_equiv 
_atom_site.pdbx_formal_charge 
_atom_site.auth_seq_id 
_atom_site.auth_comp_id 
_atom_site.auth_asym_id 
_atom_site.auth_atom_id 
_atom_site.pdbx_PDB_model_num 
ATOM   1   O "O5'" . DG  A 1 1 ? -8.981  -5.925  9.495  1.00 27.74  ? 1  DG  A "O5'" 1 
ATOM   2   C "C5'" . DG  A 1 1 ? -9.168  -7.276  9.996  1.00 24.97  ? 1  DG  A "C5'" 1 
ATOM   3   C "C4'" . DG  A 1 1 ? -9.588  -8.159  8.840  1.00 24.06  ? 1  DG  A "C4'" 1 
ATOM   4   O "O4'" . DG  A 1 1 ? -10.828 -7.728  8.308  1.00 22.82  ? 1  DG  A "O4'" 1 
ATOM   5   C "C3'" . DG  A 1 1 ? -8.627  -8.177  7.658  1.00 23.59  ? 1  DG  A "C3'" 1 
ATOM   6   O "O3'" . DG  A 1 1 ? -7.540  -9.067  7.863  1.00 26.51  ? 1  DG  A "O3'" 1 
ATOM   7   C "C2'" . DG  A 1 1 ? -9.548  -8.560  6.487  1.00 23.18  ? 1  DG  A "C2'" 1 
ATOM   8   C "C1'" . DG  A 1 1 ? -10.829 -7.833  6.861  1.00 23.63  ? 1  DG  A "C1'" 1 
ATOM   9   N N9    . DG  A 1 1 ? -10.884 -6.491  6.268  1.00 19.80  ? 1  DG  A N9    1 
ATOM   10  C C8    . DG  A 1 1 ? -10.705 -5.290  6.928  1.00 20.36  ? 1  DG  A C8    1 
ATOM   11  N N7    . DG  A 1 1 ? -10.823 -4.247  6.146  1.00 20.74  ? 1  DG  A N7    1 
ATOM   12  C C5    . DG  A 1 1 ? -11.094 -4.786  4.891  1.00 18.43  ? 1  DG  A C5    1 
ATOM   13  C C6    . DG  A 1 1 ? -11.326 -4.176  3.634  1.00 21.23  ? 1  DG  A C6    1 
ATOM   14  O O6    . DG  A 1 1 ? -11.356 -2.980  3.358  1.00 23.04  ? 1  DG  A O6    1 
ATOM   15  N N1    . DG  A 1 1 ? -11.589 -5.053  2.602  1.00 20.65  ? 1  DG  A N1    1 
ATOM   16  C C2    . DG  A 1 1 ? -11.575 -6.411  2.791  1.00 22.49  ? 1  DG  A C2    1 
ATOM   17  N N2    . DG  A 1 1 ? -11.823 -7.155  1.707  1.00 22.75  ? 1  DG  A N2    1 
ATOM   18  N N3    . DG  A 1 1 ? -11.341 -7.019  3.950  1.00 19.76  ? 1  DG  A N3    1 
ATOM   19  C C4    . DG  A 1 1 ? -11.132 -6.159  4.957  1.00 21.17  ? 1  DG  A C4    1 
ATOM   20  P P     . DT  A 1 2 ? -6.053  -8.803  7.234  1.00 25.72  ? 2  DT  A P     1 
ATOM   21  O OP1   . DT  A 1 2 ? -5.226  -9.863  7.915  1.00 35.08  ? 2  DT  A OP1   1 
ATOM   22  O OP2   . DT  A 1 2 ? -5.679  -7.453  7.702  1.00 25.80  ? 2  DT  A OP2   1 
ATOM   23  O "O5'" . DT  A 1 2 ? -6.136  -8.997  5.665  1.00 22.34  ? 2  DT  A "O5'" 1 
ATOM   24  C "C5'" . DT  A 1 2 ? -6.478  -10.231 4.998  1.00 24.83  ? 2  DT  A "C5'" 1 
ATOM   25  C "C4'" . DT  A 1 2 ? -6.756  -10.009 3.531  1.00 29.32  ? 2  DT  A "C4'" 1 
ATOM   26  O "O4'" . DT  A 1 2 ? -7.914  -9.226  3.317  1.00 30.07  ? 2  DT  A "O4'" 1 
ATOM   27  C "C3'" . DT  A 1 2 ? -5.654  -9.266  2.784  1.00 29.94  ? 2  DT  A "C3'" 1 
ATOM   28  O "O3'" . DT  A 1 2 ? -4.615  -10.148 2.366  1.00 36.98  ? 2  DT  A "O3'" 1 
ATOM   29  C "C2'" . DT  A 1 2 ? -6.392  -8.655  1.600  1.00 28.90  ? 2  DT  A "C2'" 1 
ATOM   30  C "C1'" . DT  A 1 2 ? -7.747  -8.328  2.201  1.00 26.98  ? 2  DT  A "C1'" 1 
ATOM   31  N N1    . DT  A 1 2 ? -7.798  -6.902  2.599  1.00 23.28  ? 2  DT  A N1    1 
ATOM   32  C C2    . DT  A 1 2 ? -8.166  -6.007  1.606  1.00 22.75  ? 2  DT  A C2    1 
ATOM   33  O O2    . DT  A 1 2 ? -8.450  -6.375  0.467  1.00 26.00  ? 2  DT  A O2    1 
ATOM   34  N N3    . DT  A 1 2 ? -8.290  -4.697  1.947  1.00 20.86  ? 2  DT  A N3    1 
ATOM   35  C C4    . DT  A 1 2 ? -7.993  -4.218  3.176  1.00 19.52  ? 2  DT  A C4    1 
ATOM   36  O O4    . DT  A 1 2 ? -8.061  -2.974  3.352  1.00 22.65  ? 2  DT  A O4    1 
ATOM   37  C C5    . DT  A 1 2 ? -7.576  -5.147  4.179  1.00 20.16  ? 2  DT  A C5    1 
ATOM   38  C C7    . DT  A 1 2 ? -7.239  -4.666  5.564  1.00 18.53  ? 2  DT  A C7    1 
ATOM   39  C C6    . DT  A 1 2 ? -7.504  -6.445  3.851  1.00 20.57  ? 2  DT  A C6    1 
ATOM   40  P P     . DG  A 1 3 ? -3.129  -9.564  2.015  1.00 37.64  ? 3  DG  A P     1 
ATOM   41  O OP1   . DG  A 1 3 ? -2.470  -10.906 2.008  1.00 39.84  ? 3  DG  A OP1   1 
ATOM   42  O OP2   . DG  A 1 3 ? -2.660  -8.631  3.081  1.00 37.09  ? 3  DG  A OP2   1 
ATOM   43  O "O5'" . DG  A 1 3 ? -3.271  -8.841  0.610  1.00 32.64  ? 3  DG  A "O5'" 1 
ATOM   44  C "C5'" . DG  A 1 3 ? -3.608  -9.628  -0.550 1.00 34.09  ? 3  DG  A "C5'" 1 
ATOM   45  C "C4'" . DG  A 1 3 ? -3.859  -8.643  -1.680 1.00 35.05  ? 3  DG  A "C4'" 1 
ATOM   46  O "O4'" . DG  A 1 3 ? -4.995  -7.874  -1.344 1.00 36.21  ? 3  DG  A "O4'" 1 
ATOM   47  C "C3'" . DG  A 1 3 ? -2.756  -7.624  -1.930 1.00 36.72  ? 3  DG  A "C3'" 1 
ATOM   48  O "O3'" . DG  A 1 3 ? -1.739  -8.102  -2.802 1.00 36.50  ? 3  DG  A "O3'" 1 
ATOM   49  C "C2'" . DG  A 1 3 ? -3.512  -6.439  -2.540 1.00 32.13  ? 3  DG  A "C2'" 1 
ATOM   50  C "C1'" . DG  A 1 3 ? -4.864  -6.548  -1.867 1.00 31.59  ? 3  DG  A "C1'" 1 
ATOM   51  N N9    . DG  A 1 3 ? -4.963  -5.509  -0.809 1.00 25.38  ? 3  DG  A N9    1 
ATOM   52  C C8    . DG  A 1 3 ? -4.762  -5.587  0.529  1.00 24.62  ? 3  DG  A C8    1 
ATOM   53  N N7    . DG  A 1 3 ? -4.939  -4.448  1.158  1.00 23.99  ? 3  DG  A N7    1 
ATOM   54  C C5    . DG  A 1 3 ? -5.300  -3.565  0.156  1.00 20.17  ? 3  DG  A C5    1 
ATOM   55  C C6    . DG  A 1 3 ? -5.640  -2.189  0.183  1.00 19.12  ? 3  DG  A C6    1 
ATOM   56  O O6    . DG  A 1 3 ? -5.679  -1.464  1.185  1.00 22.31  ? 3  DG  A O6    1 
ATOM   57  N N1    . DG  A 1 3 ? -5.935  -1.653  -1.046 1.00 17.09  ? 3  DG  A N1    1 
ATOM   58  C C2    . DG  A 1 3 ? -5.899  -2.385  -2.192 1.00 21.50  ? 3  DG  A C2    1 
ATOM   59  N N2    . DG  A 1 3 ? -6.204  -1.739  -3.320 1.00 18.68  ? 3  DG  A N2    1 
ATOM   60  N N3    . DG  A 1 3 ? -5.603  -3.682  -2.279 1.00 19.24  ? 3  DG  A N3    1 
ATOM   61  C C4    . DG  A 1 3 ? -5.311  -4.199  -1.069 1.00 23.20  ? 3  DG  A C4    1 
ATOM   62  P P     . DC  A 1 4 ? -0.491  -7.225  -3.278 1.00 37.43  ? 4  DC  A P     1 
ATOM   63  O OP1   . DC  A 1 4 ? 0.200   -8.027  -4.377 1.00 47.73  ? 4  DC  A OP1   1 
ATOM   64  O OP2   . DC  A 1 4 ? 0.225   -7.063  -2.007 1.00 32.46  ? 4  DC  A OP2   1 
ATOM   65  O "O5'" . DC  A 1 4 ? -0.845  -5.889  -4.016 1.00 31.02  ? 4  DC  A "O5'" 1 
ATOM   66  C "C5'" . DC  A 1 4 ? -1.415  -5.870  -5.330 1.00 29.26  ? 4  DC  A "C5'" 1 
ATOM   67  C "C4'" . DC  A 1 4 ? -1.678  -4.413  -5.659 1.00 34.50  ? 4  DC  A "C4'" 1 
ATOM   68  O "O4'" . DC  A 1 4 ? -2.693  -3.881  -4.820 1.00 33.40  ? 4  DC  A "O4'" 1 
ATOM   69  C "C3'" . DC  A 1 4 ? -0.475  -3.491  -5.467 1.00 32.83  ? 4  DC  A "C3'" 1 
ATOM   70  O "O3'" . DC  A 1 4 ? 0.451   -3.605  -6.563 1.00 28.11  ? 4  DC  A "O3'" 1 
ATOM   71  C "C2'" . DC  A 1 4 ? -1.165  -2.136  -5.332 1.00 30.87  ? 4  DC  A "C2'" 1 
ATOM   72  C "C1'" . DC  A 1 4 ? -2.452  -2.482  -4.596 1.00 27.12  ? 4  DC  A "C1'" 1 
ATOM   73  N N1    . DC  A 1 4 ? -2.365  -2.221  -3.142 1.00 21.57  ? 4  DC  A N1    1 
ATOM   74  C C2    . DC  A 1 4 ? -2.710  -0.929  -2.744 1.00 16.39  ? 4  DC  A C2    1 
ATOM   75  O O2    . DC  A 1 4 ? -2.978  -0.069  -3.580 1.00 21.25  ? 4  DC  A O2    1 
ATOM   76  N N3    . DC  A 1 4 ? -2.685  -0.637  -1.417 1.00 16.00  ? 4  DC  A N3    1 
ATOM   77  C C4    . DC  A 1 4 ? -2.330  -1.567  -0.489 1.00 18.16  ? 4  DC  A C4    1 
ATOM   78  N N4    . DC  A 1 4 ? -2.304  -1.220  0.801  1.00 17.11  ? 4  DC  A N4    1 
ATOM   79  C C5    . DC  A 1 4 ? -1.982  -2.897  -0.899 1.00 20.67  ? 4  DC  A C5    1 
ATOM   80  C C6    . DC  A 1 4 ? -2.040  -3.161  -2.216 1.00 19.25  ? 4  DC  A C6    1 
ATOM   81  P P     . DG  A 1 5 ? 1.916   -2.944  -6.439 1.00 27.86  ? 5  DG  A P     1 
ATOM   82  O OP1   . DG  A 1 5 ? 2.598   -3.446  -7.716 1.00 32.38  ? 5  DG  A OP1   1 
ATOM   83  O OP2   . DG  A 1 5 ? 2.669   -3.202  -5.283 1.00 26.81  ? 5  DG  A OP2   1 
ATOM   84  O "O5'" . DG  A 1 5 ? 1.598   -1.391  -6.658 1.00 24.42  ? 5  DG  A "O5'" 1 
ATOM   85  C "C5'" . DG  A 1 5 ? 2.449   -0.382  -6.060 1.00 19.55  ? 5  DG  A "C5'" 1 
ATOM   86  C "C4'" . DG  A 1 5 ? 1.625   0.887   -6.083 1.00 20.21  ? 5  DG  A "C4'" 1 
ATOM   87  O "O4'" . DG  A 1 5 ? 0.415   0.753   -5.362 1.00 23.07  ? 5  DG  A "O4'" 1 
ATOM   88  C "C3'" . DG  A 1 5 ? 2.360   2.076   -5.458 1.00 21.92  ? 5  DG  A "C3'" 1 
ATOM   89  O "O3'" . DG  A 1 5 ? 3.190   2.665   -6.457 1.00 24.51  ? 5  DG  A "O3'" 1 
ATOM   90  C "C2'" . DG  A 1 5 ? 1.223   2.969   -4.971 1.00 19.01  ? 5  DG  A "C2'" 1 
ATOM   91  C "C1'" . DG  A 1 5 ? 0.191   1.941   -4.559 1.00 18.03  ? 5  DG  A "C1'" 1 
ATOM   92  N N9    . DG  A 1 5 ? 0.265   1.578   -3.131 1.00 16.53  ? 5  DG  A N9    1 
ATOM   93  C C8    . DG  A 1 5 ? 0.527   0.348   -2.568 1.00 15.72  ? 5  DG  A C8    1 
ATOM   94  N N7    . DG  A 1 5 ? 0.464   0.333   -1.253 1.00 17.20  ? 5  DG  A N7    1 
ATOM   95  C C5    . DG  A 1 5 ? 0.103   1.648   -0.936 1.00 15.44  ? 5  DG  A C5    1 
ATOM   96  C C6    . DG  A 1 5 ? -0.147  2.278   0.305  1.00 16.90  ? 5  DG  A C6    1 
ATOM   97  O O6    . DG  A 1 5 ? -0.097  1.763   1.427  1.00 16.30  ? 5  DG  A O6    1 
ATOM   98  N N1    . DG  A 1 5 ? -0.479  3.609   0.207  1.00 16.87  ? 5  DG  A N1    1 
ATOM   99  C C2    . DG  A 1 5 ? -0.574  4.267   -0.974 1.00 17.62  ? 5  DG  A C2    1 
ATOM   100 N N2    . DG  A 1 5 ? -0.888  5.568   -0.890 1.00 15.95  ? 5  DG  A N2    1 
ATOM   101 N N3    . DG  A 1 5 ? -0.362  3.724   -2.185 1.00 16.52  ? 5  DG  A N3    1 
ATOM   102 C C4    . DG  A 1 5 ? -0.018  2.421   -2.071 1.00 17.76  ? 5  DG  A C4    1 
ATOM   103 P P     . DC  A 1 6 ? 4.608   3.305   -6.095 1.00 23.59  ? 6  DC  A P     1 
ATOM   104 O OP1   . DC  A 1 6 ? 5.180   3.608   -7.474 1.00 30.76  ? 6  DC  A OP1   1 
ATOM   105 O OP2   . DC  A 1 6 ? 5.291   2.362   -5.218 1.00 22.19  ? 6  DC  A OP2   1 
ATOM   106 O "O5'" . DC  A 1 6 ? 4.294   4.689   -5.352 1.00 21.58  ? 6  DC  A "O5'" 1 
ATOM   107 C "C5'" . DC  A 1 6 ? 3.557   5.769   -6.008 1.00 24.47  ? 6  DC  A "C5'" 1 
ATOM   108 C "C4'" . DC  A 1 6 ? 3.261   6.791   -4.922 1.00 25.18  ? 6  DC  A "C4'" 1 
ATOM   109 O "O4'" . DC  A 1 6 ? 2.255   6.275   -4.056 1.00 22.56  ? 6  DC  A "O4'" 1 
ATOM   110 C "C3'" . DC  A 1 6 ? 4.427   7.132   -3.995 1.00 25.06  ? 6  DC  A "C3'" 1 
ATOM   111 O "O3'" . DC  A 1 6 ? 5.341   8.082   -4.545 1.00 25.47  ? 6  DC  A "O3'" 1 
ATOM   112 C "C2'" . DC  A 1 6 ? 3.708   7.651   -2.734 1.00 20.20  ? 6  DC  A "C2'" 1 
ATOM   113 C "C1'" . DC  A 1 6 ? 2.508   6.729   -2.711 1.00 20.55  ? 6  DC  A "C1'" 1 
ATOM   114 N N1    . DC  A 1 6 ? 2.741   5.567   -1.839 1.00 20.48  ? 6  DC  A N1    1 
ATOM   115 C C2    . DC  A 1 6 ? 2.529   5.813   -0.481 1.00 20.61  ? 6  DC  A C2    1 
ATOM   116 O O2    . DC  A 1 6 ? 2.244   6.952   -0.110 1.00 20.37  ? 6  DC  A O2    1 
ATOM   117 N N3    . DC  A 1 6 ? 2.659   4.774   0.385  1.00 17.41  ? 6  DC  A N3    1 
ATOM   118 C C4    . DC  A 1 6 ? 3.014   3.530   -0.036 1.00 16.56  ? 6  DC  A C4    1 
ATOM   119 N N4    . DC  A 1 6 ? 3.146   2.556   0.873  1.00 17.21  ? 6  DC  A N4    1 
ATOM   120 C C5    . DC  A 1 6 ? 3.242   3.290   -1.421 1.00 17.56  ? 6  DC  A C5    1 
ATOM   121 C C6    . DC  A 1 6 ? 3.090   4.325   -2.272 1.00 18.17  ? 6  DC  A C6    1 
ATOM   122 P P     . DA  A 1 7 ? 6.789   8.149   -3.942 1.00 27.38  ? 7  DA  A P     1 
ATOM   123 O OP1   . DA  A 1 7 ? 7.486   8.982   -4.934 1.00 32.28  ? 7  DA  A OP1   1 
ATOM   124 O OP2   . DA  A 1 7 ? 7.411   6.784   -3.671 1.00 26.73  ? 7  DA  A OP2   1 
ATOM   125 O "O5'" . DA  A 1 7 ? 6.749   8.877   -2.504 1.00 23.60  ? 7  DA  A "O5'" 1 
ATOM   126 C "C5'" . DA  A 1 7 ? 6.219   10.214  -2.363 1.00 23.29  ? 7  DA  A "C5'" 1 
ATOM   127 C "C4'" . DA  A 1 7 ? 6.064   10.482  -0.875 1.00 21.26  ? 7  DA  A "C4'" 1 
ATOM   128 O "O4'" . DA  A 1 7 ? 5.157   9.572   -0.285 1.00 23.74  ? 7  DA  A "O4'" 1 
ATOM   129 C "C3'" . DA  A 1 7 ? 7.340   10.330  -0.064 1.00 19.63  ? 7  DA  A "C3'" 1 
ATOM   130 O "O3'" . DA  A 1 7 ? 8.158   11.495  -0.193 1.00 27.22  ? 7  DA  A "O3'" 1 
ATOM   131 C "C2'" . DA  A 1 7 ? 6.823   10.081  1.351  1.00 19.98  ? 7  DA  A "C2'" 1 
ATOM   132 C "C1'" . DA  A 1 7 ? 5.557   9.303   1.092  1.00 21.49  ? 7  DA  A "C1'" 1 
ATOM   133 N N9    . DA  A 1 7 ? 5.703   7.844   1.219  1.00 21.34  ? 7  DA  A N9    1 
ATOM   134 C C8    . DA  A 1 7 ? 5.824   6.925   0.186  1.00 17.14  ? 7  DA  A C8    1 
ATOM   135 N N7    . DA  A 1 7 ? 5.867   5.680   0.597  1.00 17.26  ? 7  DA  A N7    1 
ATOM   136 C C5    . DA  A 1 7 ? 5.756   5.781   1.977  1.00 16.16  ? 7  DA  A C5    1 
ATOM   137 C C6    . DA  A 1 7 ? 5.724   4.798   2.996  1.00 19.23  ? 7  DA  A C6    1 
ATOM   138 N N6    . DA  A 1 7 ? 5.796   3.484   2.794  1.00 20.87  ? 7  DA  A N6    1 
ATOM   139 N N1    . DA  A 1 7 ? 5.588   5.300   4.260  1.00 21.83  ? 7  DA  A N1    1 
ATOM   140 C C2    . DA  A 1 7 ? 5.477   6.620   4.531  1.00 20.42  ? 7  DA  A C2    1 
ATOM   141 N N3    . DA  A 1 7 ? 5.493   7.588   3.610  1.00 19.17  ? 7  DA  A N3    1 
ATOM   142 C C4    . DA  A 1 7 ? 5.617   7.095   2.370  1.00 20.03  ? 7  DA  A C4    1 
ATOM   143 P P     . DC  A 1 8 ? 9.754   11.364  0.172  1.00 33.71  ? 8  DC  A P     1 
ATOM   144 O OP1   . DC  A 1 8 ? 10.261  12.759  -0.231 1.00 36.70  ? 8  DC  A OP1   1 
ATOM   145 O OP2   . DC  A 1 8 ? 10.126  10.296  -0.781 1.00 40.72  ? 8  DC  A OP2   1 
ATOM   146 O "O5'" . DC  A 1 8 ? 9.896   11.051  1.686  1.00 29.95  ? 8  DC  A "O5'" 1 
ATOM   147 C "C5'" . DC  A 1 8 ? 9.402   12.021  2.642  1.00 36.43  ? 8  DC  A "C5'" 1 
ATOM   148 C "C4'" . DC  A 1 8 ? 9.711   11.492  4.029  1.00 36.76  ? 8  DC  A "C4'" 1 
ATOM   149 O "O4'" . DC  A 1 8 ? 8.927   10.335  4.247  1.00 37.20  ? 8  DC  A "O4'" 1 
ATOM   150 C "C3'" . DC  A 1 8 ? 11.170  11.124  4.261  1.00 39.73  ? 8  DC  A "C3'" 1 
ATOM   151 O "O3'" . DC  A 1 8 ? 11.751  11.809  5.384  1.00 44.19  ? 8  DC  A "O3'" 1 
ATOM   152 C "C2'" . DC  A 1 8 ? 11.170  9.629   4.502  1.00 38.09  ? 8  DC  A "C2'" 1 
ATOM   153 C "C1'" . DC  A 1 8 ? 9.721   9.287   4.812  1.00 31.94  ? 8  DC  A "C1'" 1 
ATOM   154 N N1    . DC  A 1 8 ? 9.480   7.981   4.191  1.00 26.65  ? 8  DC  A N1    1 
ATOM   155 C C2    . DC  A 1 8 ? 9.185   6.925   5.041  1.00 25.85  ? 8  DC  A C2    1 
ATOM   156 O O2    . DC  A 1 8 ? 9.056   7.090   6.249  1.00 27.12  ? 8  DC  A O2    1 
ATOM   157 N N3    . DC  A 1 8 ? 9.007   5.689   4.486  1.00 22.23  ? 8  DC  A N3    1 
ATOM   158 C C4    . DC  A 1 8 ? 9.113   5.481   3.153  1.00 19.87  ? 8  DC  A C4    1 
ATOM   159 N N4    . DC  A 1 8 ? 8.891   4.254   2.668  1.00 20.84  ? 8  DC  A N4    1 
ATOM   160 C C5    . DC  A 1 8 ? 9.416   6.567   2.276  1.00 25.05  ? 8  DC  A C5    1 
ATOM   161 C C6    . DC  A 1 8 ? 9.617   7.773   2.846  1.00 25.86  ? 8  DC  A C6    1 
HETATM 162 O O     . HOH B 2 . ? -4.170  -3.808  3.683  1.00 32.64  ? 9  HOH A O     1 
HETATM 163 O O     . HOH B 2 . ? 6.751   3.618   -0.928 1.00 34.58  ? 10 HOH A O     1 
HETATM 164 O O     . HOH B 2 . ? 9.384   6.081   -1.670 1.00 44.82  ? 11 HOH A O     1 
HETATM 165 O O     . HOH B 2 . ? 5.652   10.311  4.835  1.00 40.67  ? 12 HOH A O     1 
HETATM 166 O O     . HOH B 2 . ? -0.067  6.488   -6.313 1.00 32.61  ? 13 HOH A O     1 
HETATM 167 O O     . HOH B 2 . ? -10.330 -1.817  7.432  1.00 39.16  ? 14 HOH A O     1 
HETATM 168 O O     . HOH B 2 . ? 7.544   0.392   2.905  1.00 29.74  ? 15 HOH A O     1 
HETATM 169 O O     . HOH B 2 . ? 1.550   -4.348  -1.565 1.00 60.33  ? 16 HOH A O     1 
HETATM 170 O O     . HOH B 2 . ? -1.222  5.461   -4.267 1.00 21.23  ? 17 HOH A O     1 
HETATM 171 O O     . HOH B 2 . ? 3.928   -0.041  0.233  1.00 50.34  ? 18 HOH A O     1 
HETATM 172 O O     . HOH B 2 . ? -5.458  -1.535  3.727  1.00 36.21  ? 19 HOH A O     1 
HETATM 173 O O     . HOH B 2 . ? -3.936  -6.418  5.076  1.00 48.95  ? 20 HOH A O     1 
HETATM 174 O O     . HOH B 2 . ? -6.432  -5.476  9.216  1.00 45.57  ? 21 HOH A O     1 
HETATM 175 O O     . HOH B 2 . ? 1.033   5.075   -8.576 1.00 30.79  ? 22 HOH A O     1 
HETATM 176 O O     . HOH B 2 . ? -9.281  -7.884  -1.864 1.00 72.50  ? 23 HOH A O     1 
HETATM 177 O O     . HOH B 2 . ? 9.534   3.930   -0.122 1.00 29.25  ? 24 HOH A O     1 
HETATM 178 O O     . HOH B 2 . ? 6.467   1.534   0.355  1.00 57.63  ? 25 HOH A O     1 
HETATM 179 O O     . HOH B 2 . ? 6.959   4.112   -3.469 1.00 44.30  ? 26 HOH A O     1 
HETATM 180 O O     . HOH B 2 . ? 4.136   10.309  -8.125 1.00 45.19  ? 27 HOH A O     1 
HETATM 181 O O     . HOH B 2 . ? 5.891   7.181   -9.079 1.00 109.43 ? 28 HOH A O     1 
HETATM 182 O O     . HOH B 2 . ? 9.394   8.598   9.202  1.00 57.18  ? 29 HOH A O     1 
HETATM 183 O O     . HOH B 2 . ? 0.843   -0.108  2.637  1.00 39.44  ? 30 HOH A O     1 
HETATM 184 O O     . HOH B 2 . ? 1.904   -2.378  -3.054 1.00 65.99  ? 31 HOH A O     1 
HETATM 185 O O     . HOH B 2 . ? 1.491   -1.525  0.193  1.00 37.63  ? 32 HOH A O     1 
HETATM 186 O O     . HOH B 2 . ? 4.808   -0.197  3.408  1.00 47.38  ? 33 HOH A O     1 
HETATM 187 O O     . HOH B 2 . ? 7.019   1.463   -8.182 1.00 88.42  ? 34 HOH A O     1 
HETATM 188 O O     . HOH B 2 . ? -5.388  -4.950  -4.509 1.00 42.50  ? 35 HOH A O     1 
HETATM 189 O O     . HOH B 2 . ? -6.861  -2.626  8.485  1.00 63.62  ? 36 HOH A O     1 
HETATM 190 O O     . HOH B 2 . ? -6.149  -12.687 0.756  1.00 63.32  ? 37 HOH A O     1 
HETATM 191 O O     . HOH B 2 . ? -7.407  -6.481  -3.938 1.00 65.93  ? 38 HOH A O     1 
HETATM 192 O O     . HOH B 2 . ? 6.034   0.016   -6.034 1.00 62.34  ? 39 HOH A O     1 
HETATM 193 O O     . HOH B 2 . ? 3.329   6.160   -9.201 1.00 90.88  ? 40 HOH A O     1 
HETATM 194 O O     . HOH B 2 . ? 10.261  10.041  -3.402 1.00 56.20  ? 41 HOH A O     1 
HETATM 195 O O     . HOH B 2 . ? 10.781  7.817   -0.587 1.00 52.56  ? 42 HOH A O     1 
HETATM 196 O O     . HOH B 2 . ? 3.607   -5.927  -4.700 1.00 60.31  ? 43 HOH A O     1 
HETATM 197 O O     . HOH B 2 . ? -4.237  -13.255 3.526  1.00 56.47  ? 44 HOH A O     1 
HETATM 198 O O     . HOH B 2 . ? -2.181  -10.290 -5.439 1.00 59.23  ? 45 HOH A O     1 
HETATM 199 O O     . HOH B 2 . ? 4.775   0.460   -3.556 1.00 72.61  ? 46 HOH A O     1 
HETATM 200 O O     . HOH B 2 . ? -3.418  -7.929  -4.598 1.00 71.62  ? 47 HOH A O     1 
HETATM 201 O O     . HOH B 2 . ? 5.700   10.354  -6.155 1.00 67.68  ? 48 HOH A O     1 
HETATM 202 O O     . HOH B 2 . ? 2.105   -7.041  -6.566 1.00 67.66  ? 49 HOH A O     1 
HETATM 203 O O     . HOH B 2 . ? -1.409  -0.743  4.412  0.50 81.80  ? 50 HOH A O     1 
# 
loop_
_pdbx_poly_seq_scheme.asym_id 
_pdbx_poly_seq_scheme.entity_id 
_pdbx_poly_seq_scheme.seq_id 
_pdbx_poly_seq_scheme.mon_id 
_pdbx_poly_seq_scheme.ndb_seq_num 
_pdbx_poly_seq_scheme.pdb_seq_num 
_pdbx_poly_seq_scheme.auth_seq_num 
_pdbx_poly_seq_scheme.pdb_mon_id 
_pdbx_poly_seq_scheme.auth_mon_id 
_pdbx_poly_seq_scheme.pdb_strand_id 
_pdbx_poly_seq_scheme.pdb_ins_code 
_pdbx_poly_seq_scheme.hetero 
A 1 1 DG 1 1 1 DG G A . n 
A 1 2 DT 2 2 2 DT T A . n 
A 1 3 DG 3 3 3 DG G A . n 
A 1 4 DC 4 4 4 DC C A . n 
A 1 5 DG 5 5 5 DG G A . n 
A 1 6 DC 6 6 6 DC C A . n 
A 1 7 DA 7 7 7 DA A A . n 
A 1 8 DC 8 8 8 DC C A . n 
# 
loop_
_pdbx_nonpoly_scheme.asym_id 
_pdbx_nonpoly_scheme.entity_id 
_pdbx_nonpoly_scheme.mon_id 
_pdbx_nonpoly_scheme.ndb_seq_num 
_pdbx_nonpoly_scheme.pdb_seq_num 
_pdbx_nonpoly_scheme.auth_seq_num 
_pdbx_nonpoly_scheme.pdb_mon_id 
_pdbx_nonpoly_scheme.auth_mon_id 
_pdbx_nonpoly_scheme.pdb_strand_id 
_pdbx_nonpoly_scheme.pdb_ins_code 
B 2 HOH 1  9  9  HOH HOH A . 
B 2 HOH 2  10 10 HOH HOH A . 
B 2 HOH 3  11 11 HOH HOH A . 
B 2 HOH 4  12 12 HOH HOH A . 
B 2 HOH 5  13 13 HOH HOH A . 
B 2 HOH 6  14 14 HOH HOH A . 
B 2 HOH 7  15 15 HOH HOH A . 
B 2 HOH 8  16 16 HOH HOH A . 
B 2 HOH 9  17 17 HOH HOH A . 
B 2 HOH 10 18 18 HOH HOH A . 
B 2 HOH 11 19 19 HOH HOH A . 
B 2 HOH 12 20 20 HOH HOH A . 
B 2 HOH 13 21 21 HOH HOH A . 
B 2 HOH 14 22 22 HOH HOH A . 
B 2 HOH 15 23 23 HOH HOH A . 
B 2 HOH 16 24 24 HOH HOH A . 
B 2 HOH 17 25 25 HOH HOH A . 
B 2 HOH 18 26 26 HOH HOH A . 
B 2 HOH 19 27 27 HOH HOH A . 
B 2 HOH 20 28 28 HOH HOH A . 
B 2 HOH 21 29 29 HOH HOH A . 
B 2 HOH 22 30 30 HOH HOH A . 
B 2 HOH 23 31 31 HOH HOH A . 
B 2 HOH 24 32 32 HOH HOH A . 
B 2 HOH 25 33 33 HOH HOH A . 
B 2 HOH 26 34 34 HOH HOH A . 
B 2 HOH 27 35 35 HOH HOH A . 
B 2 HOH 28 36 36 HOH HOH A . 
B 2 HOH 29 37 37 HOH HOH A . 
B 2 HOH 30 38 38 HOH HOH A . 
B 2 HOH 31 39 39 HOH HOH A . 
B 2 HOH 32 40 40 HOH HOH A . 
B 2 HOH 33 41 41 HOH HOH A . 
B 2 HOH 34 42 42 HOH HOH A . 
B 2 HOH 35 43 43 HOH HOH A . 
B 2 HOH 36 44 44 HOH HOH A . 
B 2 HOH 37 45 45 HOH HOH A . 
B 2 HOH 38 46 46 HOH HOH A . 
B 2 HOH 39 47 47 HOH HOH A . 
B 2 HOH 40 48 48 HOH HOH A . 
B 2 HOH 41 49 49 HOH HOH A . 
B 2 HOH 42 50 50 HOH HOH A . 
# 
_pdbx_struct_assembly.id                   1 
_pdbx_struct_assembly.details              author_defined_assembly 
_pdbx_struct_assembly.method_details       ? 
_pdbx_struct_assembly.oligomeric_details   dimeric 
_pdbx_struct_assembly.oligomeric_count     2 
# 
_pdbx_struct_assembly_gen.assembly_id       1 
_pdbx_struct_assembly_gen.oper_expression   1,2 
_pdbx_struct_assembly_gen.asym_id_list      A,B 
# 
loop_
_pdbx_struct_oper_list.id 
_pdbx_struct_oper_list.type 
_pdbx_struct_oper_list.name 
_pdbx_struct_oper_list.symmetry_operation 
_pdbx_struct_oper_list.matrix[1][1] 
_pdbx_struct_oper_list.matrix[1][2] 
_pdbx_struct_oper_list.matrix[1][3] 
_pdbx_struct_oper_list.vector[1] 
_pdbx_struct_oper_list.matrix[2][1] 
_pdbx_struct_oper_list.matrix[2][2] 
_pdbx_struct_oper_list.matrix[2][3] 
_pdbx_struct_oper_list.vector[2] 
_pdbx_struct_oper_list.matrix[3][1] 
_pdbx_struct_oper_list.matrix[3][2] 
_pdbx_struct_oper_list.matrix[3][3] 
_pdbx_struct_oper_list.vector[3] 
1 'identity operation'         1_555 x,y,z  1.0000000000  0.0000000000  0.0000000000 0.0000000000  0.0000000000  1.0000000000  0.0000000000  0.0000000000 0.0000000000 0.0000000000  1.0000000000 0.0000000000 
2 'crystal symmetry operation' 7_555 y,x,-z -0.9774602274 -0.1282191809 0.1677240160 -3.5897429064 -0.1282191809 -0.2706156078 -0.9541105987 3.1133298550 0.1677240160 -0.9541105987 0.2480758351 2.8624439380 
# 
_pdbx_struct_special_symmetry.id              1 
_pdbx_struct_special_symmetry.PDB_model_num   1 
_pdbx_struct_special_symmetry.auth_asym_id    A 
_pdbx_struct_special_symmetry.auth_comp_id    HOH 
_pdbx_struct_special_symmetry.auth_seq_id     50 
_pdbx_struct_special_symmetry.PDB_ins_code    ? 
_pdbx_struct_special_symmetry.label_asym_id   B 
_pdbx_struct_special_symmetry.label_comp_id   HOH 
_pdbx_struct_special_symmetry.label_seq_id    . 
# 
loop_
_pdbx_audit_revision_history.ordinal 
_pdbx_audit_revision_history.data_content_type 
_pdbx_audit_revision_history.major_revision 
_pdbx_audit_revision_history.minor_revision 
_pdbx_audit_revision_history.revision_date 
1 'Structure model' 1 0 1993-02-11 
2 'Structure model' 1 1 2008-05-22 
3 'Structure model' 1 2 2011-07-13 
4 'Structure model' 1 3 2023-03-22 
# 
_pdbx_audit_revision_details.ordinal             1 
_pdbx_audit_revision_details.revision_ordinal    1 
_pdbx_audit_revision_details.data_content_type   'Structure model' 
_pdbx_audit_revision_details.provider            repository 
_pdbx_audit_revision_details.type                'Initial release' 
_pdbx_audit_revision_details.description         ? 
_pdbx_audit_revision_details.details             ? 
# 
loop_
_pdbx_audit_revision_group.ordinal 
_pdbx_audit_revision_group.revision_ordinal 
_pdbx_audit_revision_group.data_content_type 
_pdbx_audit_revision_group.group 
1 2 'Structure model' 'Version format compliance' 
2 3 'Structure model' 'Version format compliance' 
3 4 'Structure model' 'Database references'       
4 4 'Structure model' 'Structure summary'         
# 
loop_
_pdbx_audit_revision_category.ordinal 
_pdbx_audit_revision_category.revision_ordinal 
_pdbx_audit_revision_category.data_content_type 
_pdbx_audit_revision_category.category 
1 4 'Structure model' audit_author    
2 4 'Structure model' citation_author 
3 4 'Structure model' database_2      
# 
loop_
_pdbx_audit_revision_item.ordinal 
_pdbx_audit_revision_item.revision_ordinal 
_pdbx_audit_revision_item.data_content_type 
_pdbx_audit_revision_item.item 
1 4 'Structure model' '_audit_author.name'                  
2 4 'Structure model' '_citation_author.name'               
3 4 'Structure model' '_database_2.pdbx_DOI'                
4 4 'Structure model' '_database_2.pdbx_database_accession' 
# 
loop_
_refine_B_iso.class 
_refine_B_iso.details 
_refine_B_iso.treatment 
_refine_B_iso.pdbx_refine_id 
'ALL ATOMS'  TR isotropic 'X-RAY DIFFRACTION' 
'ALL WATERS' TR isotropic 'X-RAY DIFFRACTION' 
# 
loop_
_refine_occupancy.class 
_refine_occupancy.treatment 
_refine_occupancy.pdbx_refine_id 
'ALL ATOMS'  fix 'X-RAY DIFFRACTION' 
'ALL WATERS' fix 'X-RAY DIFFRACTION' 
# 
_software.name             NUCLSQ 
_software.classification   refinement 
_software.version          . 
_software.citation_id      ? 
_software.pdbx_ordinal     1 
_software.date             ? 
_software.type             ? 
_software.location         ? 
_software.language         ? 
# 
loop_
_pdbx_validate_rmsd_angle.id 
_pdbx_validate_rmsd_angle.PDB_model_num 
_pdbx_validate_rmsd_angle.auth_atom_id_1 
_pdbx_validate_rmsd_angle.auth_asym_id_1 
_pdbx_validate_rmsd_angle.auth_comp_id_1 
_pdbx_validate_rmsd_angle.auth_seq_id_1 
_pdbx_validate_rmsd_angle.PDB_ins_code_1 
_pdbx_validate_rmsd_angle.label_alt_id_1 
_pdbx_validate_rmsd_angle.auth_atom_id_2 
_pdbx_validate_rmsd_angle.auth_asym_id_2 
_pdbx_validate_rmsd_angle.auth_comp_id_2 
_pdbx_validate_rmsd_angle.auth_seq_id_2 
_pdbx_validate_rmsd_angle.PDB_ins_code_2 
_pdbx_validate_rmsd_angle.label_alt_id_2 
_pdbx_validate_rmsd_angle.auth_atom_id_3 
_pdbx_validate_rmsd_angle.auth_asym_id_3 
_pdbx_validate_rmsd_angle.auth_comp_id_3 
_pdbx_validate_rmsd_angle.auth_seq_id_3 
_pdbx_validate_rmsd_angle.PDB_ins_code_3 
_pdbx_validate_rmsd_angle.label_alt_id_3 
_pdbx_validate_rmsd_angle.angle_value 
_pdbx_validate_rmsd_angle.angle_target_value 
_pdbx_validate_rmsd_angle.angle_deviation 
_pdbx_validate_rmsd_angle.angle_standard_deviation 
_pdbx_validate_rmsd_angle.linker_flag 
1  1 C5    A DG 1 ? ? C6    A DG 1 ? ? N1    A DG 1 ? ? 114.96 111.50 3.46  0.50 N 
2  1 "O4'" A DT 2 ? ? "C1'" A DT 2 ? ? N1    A DT 2 ? ? 112.83 108.30 4.53  0.30 N 
3  1 C2    A DT 2 ? ? N3    A DT 2 ? ? C4    A DT 2 ? ? 123.33 127.20 -3.87 0.60 N 
4  1 "O4'" A DG 3 ? ? "C1'" A DG 3 ? ? N9    A DG 3 ? ? 112.45 108.30 4.15  0.30 N 
5  1 "O3'" A DG 3 ? ? P     A DC 4 ? ? "O5'" A DC 4 ? ? 115.61 104.00 11.61 1.90 Y 
6  1 "O3'" A DC 4 ? ? P     A DG 5 ? ? OP2   A DG 5 ? ? 118.39 110.50 7.89  1.10 Y 
7  1 C6    A DA 7 ? ? N1    A DA 7 ? ? C2    A DA 7 ? ? 123.52 118.60 4.92  0.60 N 
8  1 N1    A DA 7 ? ? C2    A DA 7 ? ? N3    A DA 7 ? ? 124.57 129.30 -4.73 0.50 N 
9  1 C5    A DA 7 ? ? C6    A DA 7 ? ? N1    A DA 7 ? ? 114.38 117.70 -3.32 0.50 N 
10 1 "O4'" A DC 8 ? ? "C1'" A DC 8 ? ? N1    A DC 8 ? ? 113.15 108.30 4.85  0.30 N 
# 
_ndb_struct_conf_na.entry_id   118D 
_ndb_struct_conf_na.feature    'a-form double helix' 
# 
loop_
_ndb_struct_na_base_pair.model_number 
_ndb_struct_na_base_pair.i_label_asym_id 
_ndb_struct_na_base_pair.i_label_comp_id 
_ndb_struct_na_base_pair.i_label_seq_id 
_ndb_struct_na_base_pair.i_symmetry 
_ndb_struct_na_base_pair.j_label_asym_id 
_ndb_struct_na_base_pair.j_label_comp_id 
_ndb_struct_na_base_pair.j_label_seq_id 
_ndb_struct_na_base_pair.j_symmetry 
_ndb_struct_na_base_pair.shear 
_ndb_struct_na_base_pair.stretch 
_ndb_struct_na_base_pair.stagger 
_ndb_struct_na_base_pair.buckle 
_ndb_struct_na_base_pair.propeller 
_ndb_struct_na_base_pair.opening 
_ndb_struct_na_base_pair.pair_number 
_ndb_struct_na_base_pair.pair_name 
_ndb_struct_na_base_pair.i_auth_asym_id 
_ndb_struct_na_base_pair.i_auth_seq_id 
_ndb_struct_na_base_pair.i_PDB_ins_code 
_ndb_struct_na_base_pair.j_auth_asym_id 
_ndb_struct_na_base_pair.j_auth_seq_id 
_ndb_struct_na_base_pair.j_PDB_ins_code 
_ndb_struct_na_base_pair.hbond_type_28 
_ndb_struct_na_base_pair.hbond_type_12 
1 A DG 1 1_555 A DC 8 7_555 -0.270 -0.091 -0.182 -13.287 -9.312 -0.889 1 A_DG1:DC8_A A 1 ? A 8 ? 19 1 
1 A DT 2 1_555 A DA 7 7_555 0.117  -0.172 0.062  1.737   -9.457 4.056  2 A_DT2:DA7_A A 2 ? A 7 ? 20 1 
1 A DG 3 1_555 A DC 6 7_555 -0.155 -0.139 0.103  -1.689  -9.720 -0.709 3 A_DG3:DC6_A A 3 ? A 6 ? 19 1 
1 A DC 4 1_555 A DG 5 7_555 0.148  -0.150 0.263  -2.305  -7.996 -1.880 4 A_DC4:DG5_A A 4 ? A 5 ? 19 1 
1 A DG 5 1_555 A DC 4 7_555 -0.148 -0.150 0.263  2.305   -7.996 -1.880 5 A_DG5:DC4_A A 5 ? A 4 ? 19 1 
1 A DC 6 1_555 A DG 3 7_555 0.155  -0.139 0.103  1.689   -9.720 -0.709 6 A_DC6:DG3_A A 6 ? A 3 ? 19 1 
1 A DA 7 1_555 A DT 2 7_555 -0.117 -0.172 0.062  -1.737  -9.457 4.056  7 A_DA7:DT2_A A 7 ? A 2 ? 20 1 
1 A DC 8 1_555 A DG 1 7_555 0.270  -0.091 -0.182 13.287  -9.312 -0.889 8 A_DC8:DG1_A A 8 ? A 1 ? 19 1 
# 
loop_
_ndb_struct_na_base_pair_step.model_number 
_ndb_struct_na_base_pair_step.i_label_asym_id_1 
_ndb_struct_na_base_pair_step.i_label_comp_id_1 
_ndb_struct_na_base_pair_step.i_label_seq_id_1 
_ndb_struct_na_base_pair_step.i_symmetry_1 
_ndb_struct_na_base_pair_step.j_label_asym_id_1 
_ndb_struct_na_base_pair_step.j_label_comp_id_1 
_ndb_struct_na_base_pair_step.j_label_seq_id_1 
_ndb_struct_na_base_pair_step.j_symmetry_1 
_ndb_struct_na_base_pair_step.i_label_asym_id_2 
_ndb_struct_na_base_pair_step.i_label_comp_id_2 
_ndb_struct_na_base_pair_step.i_label_seq_id_2 
_ndb_struct_na_base_pair_step.i_symmetry_2 
_ndb_struct_na_base_pair_step.j_label_asym_id_2 
_ndb_struct_na_base_pair_step.j_label_comp_id_2 
_ndb_struct_na_base_pair_step.j_label_seq_id_2 
_ndb_struct_na_base_pair_step.j_symmetry_2 
_ndb_struct_na_base_pair_step.shift 
_ndb_struct_na_base_pair_step.slide 
_ndb_struct_na_base_pair_step.rise 
_ndb_struct_na_base_pair_step.tilt 
_ndb_struct_na_base_pair_step.roll 
_ndb_struct_na_base_pair_step.twist 
_ndb_struct_na_base_pair_step.x_displacement 
_ndb_struct_na_base_pair_step.y_displacement 
_ndb_struct_na_base_pair_step.helical_rise 
_ndb_struct_na_base_pair_step.inclination 
_ndb_struct_na_base_pair_step.tip 
_ndb_struct_na_base_pair_step.helical_twist 
_ndb_struct_na_base_pair_step.step_number 
_ndb_struct_na_base_pair_step.step_name 
_ndb_struct_na_base_pair_step.i_auth_asym_id_1 
_ndb_struct_na_base_pair_step.i_auth_seq_id_1 
_ndb_struct_na_base_pair_step.i_PDB_ins_code_1 
_ndb_struct_na_base_pair_step.j_auth_asym_id_1 
_ndb_struct_na_base_pair_step.j_auth_seq_id_1 
_ndb_struct_na_base_pair_step.j_PDB_ins_code_1 
_ndb_struct_na_base_pair_step.i_auth_asym_id_2 
_ndb_struct_na_base_pair_step.i_auth_seq_id_2 
_ndb_struct_na_base_pair_step.i_PDB_ins_code_2 
_ndb_struct_na_base_pair_step.j_auth_asym_id_2 
_ndb_struct_na_base_pair_step.j_auth_seq_id_2 
_ndb_struct_na_base_pair_step.j_PDB_ins_code_2 
1 A DG 1 1_555 A DC 8 7_555 A DT 2 1_555 A DA 7 7_555 0.319  -1.157 3.057 -1.647 7.788 31.491 -3.288 -0.829 2.682 14.070 2.976  
32.457 1 AA_DG1DT2:DA7DC8_AA A 1 ? A 8 ? A 2 ? A 7 ? 
1 A DT 2 1_555 A DA 7 7_555 A DG 3 1_555 A DC 6 7_555 -0.013 -1.396 3.310 0.508  9.867 30.939 -4.144 0.107  2.746 17.931 -0.923 
32.442 2 AA_DT2DG3:DC6DA7_AA A 2 ? A 7 ? A 3 ? A 6 ? 
1 A DG 3 1_555 A DC 6 7_555 A DC 4 1_555 A DG 5 7_555 0.167  -1.387 3.308 0.015  2.295 37.177 -2.476 -0.259 3.220 3.595  -0.024 
37.245 3 AA_DG3DC4:DG5DC6_AA A 3 ? A 6 ? A 4 ? A 5 ? 
1 A DC 4 1_555 A DG 5 7_555 A DG 5 1_555 A DC 4 7_555 0.000  -1.896 3.078 0.000  7.454 23.894 -6.272 0.000  2.385 17.467 0.000  
25.014 4 AA_DC4DG5:DC4DG5_AA A 4 ? A 5 ? A 5 ? A 4 ? 
1 A DG 5 1_555 A DC 4 7_555 A DC 6 1_555 A DG 3 7_555 -0.167 -1.387 3.308 -0.015 2.295 37.177 -2.476 0.259  3.220 3.595  0.024  
37.245 5 AA_DG5DC6:DG3DC4_AA A 5 ? A 4 ? A 6 ? A 3 ? 
1 A DC 6 1_555 A DG 3 7_555 A DA 7 1_555 A DT 2 7_555 0.013  -1.396 3.310 -0.508 9.867 30.939 -4.144 -0.107 2.746 17.931 0.923  
32.442 6 AA_DC6DA7:DT2DG3_AA A 6 ? A 3 ? A 7 ? A 2 ? 
1 A DA 7 1_555 A DT 2 7_555 A DC 8 1_555 A DG 1 7_555 -0.319 -1.157 3.057 1.647  7.788 31.491 -3.288 0.829  2.682 14.070 -2.976 
32.457 7 AA_DA7DC8:DG1DT2_AA A 7 ? A 2 ? A 8 ? A 1 ? 
# 
_pdbx_entity_nonpoly.entity_id   2 
_pdbx_entity_nonpoly.name        water 
_pdbx_entity_nonpoly.comp_id     HOH 
# 
